data_1EK0
#
_entry.id   1EK0
#
_cell.length_a   62.326
_cell.length_b   62.326
_cell.length_c   91.221
_cell.angle_alpha   90.00
_cell.angle_beta   90.00
_cell.angle_gamma   120.00
#
_symmetry.space_group_name_H-M   'P 61'
#
loop_
_entity.id
_entity.type
_entity.pdbx_description
1 polymer 'PROTEIN (GTP-BINDING PROTEIN YPT51)'
2 non-polymer 'MAGNESIUM ION'
3 non-polymer 'NICKEL (II) ION'
4 non-polymer 'PHOSPHOAMINOPHOSPHONIC ACID-GUANYLATE ESTER'
5 non-polymer "GUANOSINE-5'-DIPHOSPHATE"
6 water water
#
_entity_poly.entity_id   1
_entity_poly.type   'polypeptide(L)'
_entity_poly.pdbx_seq_one_letter_code
;VTSIKLVLLGEAAVGKSSIVLRFVSNDFAENKEPTIGAAFLTQRVTINEHTVKFEIWDTAGQERFASLAP(MHO)YYRNA
QAALVVYDVTKPQSFIKARHWVKELHEQASKDIIIALVGNKID(MHO)LQEGGERKVAREEGEKLAEEKGLLFFETSAKT
GENVNDVFLGIGEKIPLK
;
_entity_poly.pdbx_strand_id   A
#
loop_
_chem_comp.id
_chem_comp.type
_chem_comp.name
_chem_comp.formula
GDP RNA linking GUANOSINE-5'-DIPHOSPHATE 'C10 H15 N5 O11 P2'
GNP non-polymer 'PHOSPHOAMINOPHOSPHONIC ACID-GUANYLATE ESTER' 'C10 H17 N6 O13 P3'
MG non-polymer 'MAGNESIUM ION' 'Mg 2'
NI non-polymer 'NICKEL (II) ION' 'Ni 2'
#
# COMPACT_ATOMS: atom_id res chain seq x y z
N VAL A 1 -18.18 12.92 7.88
CA VAL A 1 -17.04 12.02 8.08
C VAL A 1 -17.37 10.61 7.57
N THR A 2 -16.45 10.08 6.77
CA THR A 2 -16.59 8.77 6.17
C THR A 2 -15.35 7.95 6.54
N SER A 3 -15.54 6.81 7.16
CA SER A 3 -14.41 5.95 7.46
C SER A 3 -14.17 4.92 6.35
N ILE A 4 -12.91 4.66 6.07
CA ILE A 4 -12.52 3.69 5.05
C ILE A 4 -11.54 2.69 5.66
N LYS A 5 -11.90 1.43 5.66
CA LYS A 5 -11.02 0.37 6.18
C LYS A 5 -10.01 -0.03 5.10
N LEU A 6 -8.75 0.16 5.43
CA LEU A 6 -7.68 -0.09 4.44
C LEU A 6 -6.63 -0.99 5.05
N VAL A 7 -6.08 -1.83 4.21
CA VAL A 7 -5.02 -2.75 4.60
C VAL A 7 -3.82 -2.60 3.68
N LEU A 8 -2.60 -2.69 4.25
CA LEU A 8 -1.40 -2.78 3.42
C LEU A 8 -0.83 -4.20 3.50
N LEU A 9 -0.50 -4.70 2.31
CA LEU A 9 0.03 -6.05 2.11
C LEU A 9 1.27 -6.04 1.23
N GLY A 10 2.20 -6.97 1.43
CA GLY A 10 3.37 -6.95 0.56
C GLY A 10 4.57 -7.60 1.27
N GLU A 11 5.57 -7.97 0.46
CA GLU A 11 6.76 -8.65 1.00
C GLU A 11 7.36 -7.82 2.11
N ALA A 12 8.07 -8.48 3.07
CA ALA A 12 8.79 -7.76 4.08
C ALA A 12 9.77 -6.76 3.50
N ALA A 13 9.88 -5.63 4.18
CA ALA A 13 10.85 -4.58 3.95
C ALA A 13 10.60 -3.73 2.71
N VAL A 14 9.43 -3.88 2.04
CA VAL A 14 9.16 -3.02 0.88
C VAL A 14 8.81 -1.57 1.26
N GLY A 15 8.47 -1.32 2.52
CA GLY A 15 8.23 0.06 2.95
C GLY A 15 6.75 0.28 3.31
N LYS A 16 5.94 -0.74 3.60
CA LYS A 16 4.56 -0.55 4.05
C LYS A 16 4.49 0.40 5.25
N SER A 17 5.28 0.08 6.29
CA SER A 17 5.19 0.96 7.48
C SER A 17 5.71 2.34 7.21
N SER A 18 6.68 2.46 6.34
CA SER A 18 7.23 3.77 6.03
C SER A 18 6.23 4.59 5.21
N ILE A 19 5.48 3.92 4.32
CA ILE A 19 4.43 4.67 3.61
C ILE A 19 3.39 5.21 4.59
N VAL A 20 2.94 4.37 5.52
CA VAL A 20 1.96 4.85 6.52
C VAL A 20 2.56 5.93 7.40
N LEU A 21 3.83 5.79 7.87
CA LEU A 21 4.35 6.88 8.73
C LEU A 21 4.47 8.18 8.00
N ARG A 22 4.83 8.11 6.72
CA ARG A 22 4.90 9.35 5.95
C ARG A 22 3.50 9.97 5.82
N PHE A 23 2.50 9.13 5.59
CA PHE A 23 1.15 9.66 5.38
C PHE A 23 0.58 10.22 6.67
N VAL A 24 0.73 9.48 7.79
CA VAL A 24 0.16 9.90 9.06
C VAL A 24 0.94 11.02 9.72
N SER A 25 2.25 10.90 9.81
CA SER A 25 3.09 11.81 10.60
C SER A 25 4.03 12.64 9.76
N ASN A 26 4.11 12.49 8.44
CA ASN A 26 5.09 13.18 7.61
C ASN A 26 6.52 12.97 8.10
N ASP A 27 6.80 11.72 8.51
CA ASP A 27 8.12 11.40 9.05
C ASP A 27 8.69 10.21 8.29
N PHE A 28 10.00 9.98 8.38
CA PHE A 28 10.63 8.83 7.78
C PHE A 28 11.75 8.34 8.71
N ALA A 29 11.90 7.04 8.90
CA ALA A 29 12.96 6.46 9.71
C ALA A 29 13.81 5.48 8.89
N GLU A 30 15.09 5.76 8.70
CA GLU A 30 15.92 4.82 7.96
C GLU A 30 16.02 3.50 8.73
N ASN A 31 15.83 3.54 10.04
CA ASN A 31 15.93 2.31 10.83
C ASN A 31 14.57 1.76 11.28
N LYS A 32 13.48 1.99 10.55
CA LYS A 32 12.18 1.42 10.92
C LYS A 32 12.24 -0.08 11.20
N GLU A 33 11.68 -0.60 12.30
CA GLU A 33 11.84 -2.03 12.57
C GLU A 33 10.69 -2.85 12.00
N PRO A 34 10.93 -4.13 11.73
CA PRO A 34 9.85 -4.96 11.13
C PRO A 34 8.62 -4.93 12.00
N THR A 35 7.46 -4.86 11.35
CA THR A 35 6.22 -4.88 12.12
C THR A 35 5.97 -6.23 12.74
N ILE A 36 5.40 -6.18 13.96
CA ILE A 36 5.06 -7.43 14.63
C ILE A 36 3.58 -7.74 14.48
N GLY A 37 3.25 -8.66 13.58
CA GLY A 37 1.88 -9.04 13.28
C GLY A 37 1.18 -8.01 12.39
N ALA A 38 0.83 -6.89 13.00
CA ALA A 38 0.28 -5.72 12.26
C ALA A 38 0.27 -4.53 13.19
N ALA A 39 0.11 -3.33 12.66
CA ALA A 39 -0.05 -2.09 13.40
C ALA A 39 -1.26 -1.29 12.89
N PHE A 40 -2.02 -0.69 13.78
CA PHE A 40 -3.20 0.09 13.37
C PHE A 40 -2.88 1.58 13.43
N LEU A 41 -3.27 2.35 12.42
CA LEU A 41 -3.07 3.80 12.44
C LEU A 41 -4.31 4.47 11.83
N THR A 42 -4.51 5.75 12.13
CA THR A 42 -5.57 6.47 11.41
C THR A 42 -5.02 7.77 10.89
N GLN A 43 -5.62 8.28 9.82
CA GLN A 43 -5.31 9.61 9.30
C GLN A 43 -6.56 10.12 8.56
N ARG A 44 -6.82 11.43 8.63
CA ARG A 44 -8.00 12.04 8.01
C ARG A 44 -7.50 12.91 6.87
N VAL A 45 -8.27 12.98 5.80
CA VAL A 45 -7.96 13.83 4.65
C VAL A 45 -9.24 14.60 4.31
N THR A 46 -9.10 15.79 3.82
CA THR A 46 -10.23 16.65 3.43
C THR A 46 -10.46 16.51 1.94
N ILE A 47 -11.72 16.30 1.52
CA ILE A 47 -12.09 16.38 0.11
C ILE A 47 -13.31 17.28 0.06
N ASN A 48 -13.12 18.51 -0.39
CA ASN A 48 -14.10 19.59 -0.29
C ASN A 48 -14.48 19.74 1.19
N GLU A 49 -15.74 19.53 1.58
CA GLU A 49 -16.13 19.65 2.97
C GLU A 49 -16.14 18.33 3.69
N HIS A 50 -15.86 17.23 2.95
CA HIS A 50 -15.87 15.92 3.56
C HIS A 50 -14.59 15.59 4.33
N THR A 51 -14.73 14.88 5.43
CA THR A 51 -13.53 14.33 6.09
C THR A 51 -13.52 12.82 5.76
N VAL A 52 -12.39 12.37 5.19
CA VAL A 52 -12.25 10.93 4.92
C VAL A 52 -11.24 10.38 5.93
N LYS A 53 -11.70 9.48 6.77
CA LYS A 53 -10.86 8.86 7.81
C LYS A 53 -10.45 7.45 7.44
N PHE A 54 -9.14 7.28 7.26
CA PHE A 54 -8.59 5.94 6.96
C PHE A 54 -8.30 5.20 8.26
N GLU A 55 -8.85 4.00 8.34
CA GLU A 55 -8.55 3.07 9.44
C GLU A 55 -7.58 2.04 8.87
N ILE A 56 -6.32 2.12 9.23
CA ILE A 56 -5.27 1.42 8.47
C ILE A 56 -4.70 0.24 9.25
N TRP A 57 -4.80 -0.95 8.68
CA TRP A 57 -4.04 -2.10 9.20
C TRP A 57 -2.79 -2.28 8.33
N ASP A 58 -1.65 -2.02 8.96
CA ASP A 58 -0.35 -2.15 8.31
C ASP A 58 0.19 -3.51 8.67
N THR A 59 0.08 -4.46 7.74
CA THR A 59 0.43 -5.85 8.12
C THR A 59 1.94 -6.08 8.07
N ALA A 60 2.38 -7.05 8.88
CA ALA A 60 3.77 -7.48 8.76
C ALA A 60 3.95 -8.37 7.55
N GLY A 61 4.98 -8.16 6.75
CA GLY A 61 5.15 -8.97 5.54
C GLY A 61 6.04 -10.18 5.67
N GLN A 62 6.74 -10.32 6.77
CA GLN A 62 7.43 -11.59 7.04
C GLN A 62 6.50 -12.77 7.08
N GLU A 63 6.98 -13.87 6.50
CA GLU A 63 6.23 -15.11 6.43
C GLU A 63 5.80 -15.62 7.82
N ARG A 64 6.58 -15.35 8.85
CA ARG A 64 6.21 -15.78 10.22
C ARG A 64 4.91 -15.14 10.66
N PHE A 65 4.50 -14.04 10.01
CA PHE A 65 3.16 -13.52 10.29
C PHE A 65 2.13 -13.73 9.21
N ALA A 66 2.41 -14.55 8.20
CA ALA A 66 1.52 -14.58 7.05
C ALA A 66 0.10 -15.01 7.33
N SER A 67 -0.08 -15.86 8.36
CA SER A 67 -1.44 -16.37 8.51
C SER A 67 -2.34 -15.38 9.23
N LEU A 68 -1.78 -14.23 9.65
CA LEU A 68 -2.62 -13.20 10.27
C LEU A 68 -3.30 -12.35 9.20
N ALA A 69 -2.72 -12.29 7.99
CA ALA A 69 -3.22 -11.35 6.98
C ALA A 69 -4.70 -11.41 6.71
N PRO A 70 -5.36 -12.54 6.49
CA PRO A 70 -6.80 -12.59 6.27
C PRO A 70 -7.66 -11.84 7.29
N MHO A 71 -7.33 -11.87 8.59
CA MHO A 71 -8.14 -11.11 9.54
CB MHO A 71 -7.74 -11.43 10.98
CB MHO A 71 -7.74 -11.43 10.98
CG MHO A 71 -6.65 -10.80 11.82
CG MHO A 71 -6.65 -10.80 11.82
SD MHO A 71 -6.85 -11.49 13.54
SD MHO A 71 -6.85 -11.49 13.54
CE MHO A 71 -8.47 -11.10 14.18
CE MHO A 71 -5.29 -10.92 13.72
C MHO A 71 -8.10 -9.61 9.26
O MHO A 71 -9.05 -8.89 9.54
OD1 MHO A 71 -5.29 -10.92 13.72
OD1 MHO A 71 -8.47 -11.10 14.18
N TYR A 72 -6.99 -9.12 8.73
CA TYR A 72 -6.89 -7.70 8.44
C TYR A 72 -7.47 -7.35 7.07
N TYR A 73 -7.47 -8.25 6.09
CA TYR A 73 -8.01 -7.87 4.78
C TYR A 73 -9.48 -8.27 4.66
N ARG A 74 -9.94 -9.10 5.60
CA ARG A 74 -11.29 -9.66 5.50
C ARG A 74 -12.36 -8.61 5.26
N ASN A 75 -12.40 -7.51 5.99
CA ASN A 75 -13.46 -6.55 5.71
C ASN A 75 -12.89 -5.23 5.21
N ALA A 76 -11.69 -5.30 4.62
CA ALA A 76 -11.11 -4.09 4.06
C ALA A 76 -11.93 -3.60 2.86
N GLN A 77 -12.07 -2.30 2.83
CA GLN A 77 -12.67 -1.66 1.64
C GLN A 77 -11.62 -1.34 0.58
N ALA A 78 -10.36 -1.23 0.98
CA ALA A 78 -9.27 -0.86 0.10
C ALA A 78 -8.00 -1.61 0.55
N ALA A 79 -7.17 -1.97 -0.41
CA ALA A 79 -5.88 -2.56 -0.11
C ALA A 79 -4.81 -1.85 -0.91
N LEU A 80 -3.66 -1.65 -0.25
CA LEU A 80 -2.47 -1.27 -1.01
C LEU A 80 -1.60 -2.52 -1.11
N VAL A 81 -1.25 -2.96 -2.29
CA VAL A 81 -0.33 -4.10 -2.47
C VAL A 81 0.99 -3.45 -2.83
N VAL A 82 1.96 -3.51 -1.91
CA VAL A 82 3.20 -2.76 -2.06
C VAL A 82 4.37 -3.67 -2.47
N TYR A 83 5.15 -3.19 -3.44
CA TYR A 83 6.44 -3.85 -3.76
C TYR A 83 7.52 -2.79 -3.73
N ASP A 84 8.78 -3.19 -3.91
CA ASP A 84 9.96 -2.33 -3.94
C ASP A 84 10.47 -2.34 -5.39
N VAL A 85 10.54 -1.19 -6.04
CA VAL A 85 10.92 -1.16 -7.46
C VAL A 85 12.36 -1.65 -7.67
N THR A 86 13.14 -1.79 -6.62
CA THR A 86 14.53 -2.27 -6.77
C THR A 86 14.64 -3.75 -6.44
N LYS A 87 13.54 -4.43 -6.15
CA LYS A 87 13.55 -5.85 -5.74
C LYS A 87 12.53 -6.66 -6.49
N PRO A 88 12.92 -7.32 -7.58
CA PRO A 88 11.99 -8.04 -8.43
C PRO A 88 11.25 -9.13 -7.68
N GLN A 89 11.88 -9.73 -6.66
CA GLN A 89 11.14 -10.72 -5.88
C GLN A 89 9.85 -10.16 -5.28
N SER A 90 9.96 -8.90 -4.86
CA SER A 90 8.79 -8.30 -4.18
C SER A 90 7.66 -8.07 -5.16
N PHE A 91 7.98 -7.92 -6.44
CA PHE A 91 6.90 -7.82 -7.42
C PHE A 91 6.23 -9.13 -7.75
N ILE A 92 6.97 -10.26 -7.75
CA ILE A 92 6.33 -11.55 -7.83
C ILE A 92 5.34 -11.69 -6.67
N LYS A 93 5.77 -11.36 -5.44
CA LYS A 93 4.84 -11.46 -4.29
C LYS A 93 3.63 -10.56 -4.48
N ALA A 94 3.82 -9.36 -5.05
CA ALA A 94 2.66 -8.51 -5.35
C ALA A 94 1.68 -9.21 -6.27
N ARG A 95 2.18 -9.87 -7.30
CA ARG A 95 1.28 -10.59 -8.20
C ARG A 95 0.47 -11.62 -7.41
N HIS A 96 1.13 -12.32 -6.49
CA HIS A 96 0.41 -13.34 -5.71
C HIS A 96 -0.61 -12.73 -4.77
N TRP A 97 -0.28 -11.57 -4.19
CA TRP A 97 -1.21 -10.86 -3.34
C TRP A 97 -2.45 -10.44 -4.13
N VAL A 98 -2.30 -10.01 -5.36
CA VAL A 98 -3.50 -9.60 -6.10
C VAL A 98 -4.42 -10.77 -6.37
N LYS A 99 -3.87 -11.93 -6.71
CA LYS A 99 -4.71 -13.11 -6.92
C LYS A 99 -5.33 -13.54 -5.60
N GLU A 100 -4.58 -13.49 -4.49
CA GLU A 100 -5.23 -13.90 -3.25
C GLU A 100 -6.36 -12.94 -2.89
N LEU A 101 -6.20 -11.62 -3.11
CA LEU A 101 -7.31 -10.73 -2.74
C LEU A 101 -8.52 -10.96 -3.64
N HIS A 102 -8.26 -11.29 -4.91
CA HIS A 102 -9.39 -11.52 -5.81
C HIS A 102 -10.12 -12.80 -5.40
N GLU A 103 -9.42 -13.79 -4.89
CA GLU A 103 -10.06 -15.02 -4.43
C GLU A 103 -10.75 -14.92 -3.09
N GLN A 104 -10.08 -14.26 -2.15
CA GLN A 104 -10.40 -14.33 -0.74
C GLN A 104 -10.88 -13.02 -0.16
N ALA A 105 -10.64 -11.84 -0.70
CA ALA A 105 -11.13 -10.64 -0.01
C ALA A 105 -12.54 -10.28 -0.44
N SER A 106 -13.08 -9.17 0.05
CA SER A 106 -14.46 -8.81 -0.33
C SER A 106 -14.54 -8.59 -1.85
N LYS A 107 -15.64 -8.98 -2.49
CA LYS A 107 -15.68 -8.81 -3.94
C LYS A 107 -15.65 -7.34 -4.33
N ASP A 108 -15.95 -6.42 -3.43
CA ASP A 108 -15.94 -5.02 -3.83
C ASP A 108 -14.76 -4.19 -3.31
N ILE A 109 -13.70 -4.91 -2.94
CA ILE A 109 -12.50 -4.18 -2.49
C ILE A 109 -11.86 -3.43 -3.63
N ILE A 110 -11.31 -2.27 -3.34
CA ILE A 110 -10.53 -1.46 -4.27
C ILE A 110 -9.03 -1.66 -3.99
N ILE A 111 -8.30 -2.05 -5.03
CA ILE A 111 -6.87 -2.32 -4.83
C ILE A 111 -6.00 -1.32 -5.58
N ALA A 112 -5.04 -0.78 -4.87
CA ALA A 112 -3.96 0.00 -5.48
C ALA A 112 -2.64 -0.78 -5.41
N LEU A 113 -1.99 -0.88 -6.57
CA LEU A 113 -0.65 -1.49 -6.70
C LEU A 113 0.37 -0.38 -6.53
N VAL A 114 1.33 -0.52 -5.63
CA VAL A 114 2.23 0.58 -5.27
C VAL A 114 3.69 0.11 -5.38
N GLY A 115 4.46 0.69 -6.26
CA GLY A 115 5.90 0.43 -6.36
C GLY A 115 6.66 1.48 -5.55
N ASN A 116 7.23 1.08 -4.41
CA ASN A 116 7.91 2.01 -3.50
C ASN A 116 9.43 2.08 -3.65
N LYS A 117 10.06 3.05 -3.04
CA LYS A 117 11.49 3.31 -2.95
C LYS A 117 12.04 3.93 -4.24
N ILE A 118 11.21 4.61 -5.03
CA ILE A 118 11.73 5.20 -6.26
C ILE A 118 12.82 6.25 -6.00
N ASP A 119 12.98 6.77 -4.80
CA ASP A 119 14.05 7.74 -4.56
C ASP A 119 15.41 7.08 -4.78
N MHO A 120 15.41 5.76 -4.58
CA MHO A 120 16.66 5.03 -4.63
CB MHO A 120 16.41 3.58 -4.26
CB MHO A 120 16.51 3.60 -4.10
CG MHO A 120 17.08 2.93 -3.08
CG MHO A 120 16.13 3.48 -2.64
SD MHO A 120 16.34 1.30 -2.72
SD MHO A 120 16.31 1.78 -2.03
CE MHO A 120 17.60 0.45 -3.71
CE MHO A 120 18.09 1.79 -2.38
C MHO A 120 17.20 5.08 -6.05
O MHO A 120 18.39 4.86 -6.25
OD1 MHO A 120 16.72 1.03 -1.32
OD1 MHO A 120 16.26 1.90 -0.55
N LEU A 121 16.35 5.35 -7.04
CA LEU A 121 16.79 5.34 -8.42
C LEU A 121 17.49 6.62 -8.81
N GLN A 122 17.60 7.57 -7.88
CA GLN A 122 18.30 8.81 -8.23
C GLN A 122 19.63 8.90 -7.50
N GLU A 123 19.97 7.78 -6.86
CA GLU A 123 21.23 7.60 -6.14
C GLU A 123 21.86 6.28 -6.54
N GLY A 124 22.28 5.45 -5.58
CA GLY A 124 22.81 4.15 -5.97
C GLY A 124 21.71 3.11 -5.99
N GLY A 125 20.86 3.13 -7.03
CA GLY A 125 19.75 2.18 -7.03
C GLY A 125 19.41 1.71 -8.43
N GLU A 126 19.10 0.43 -8.57
CA GLU A 126 18.77 -0.16 -9.86
C GLU A 126 17.27 -0.34 -10.04
N ARG A 127 16.68 0.21 -11.12
CA ARG A 127 15.24 -0.06 -11.29
C ARG A 127 15.03 -1.48 -11.76
N LYS A 128 14.46 -2.34 -10.93
CA LYS A 128 14.34 -3.73 -11.35
C LYS A 128 12.90 -4.10 -11.64
N VAL A 129 11.96 -3.16 -11.59
CA VAL A 129 10.59 -3.39 -12.04
C VAL A 129 10.27 -2.16 -12.90
N ALA A 130 10.19 -2.39 -14.20
CA ALA A 130 9.85 -1.26 -15.06
C ALA A 130 8.51 -0.62 -14.66
N ARG A 131 8.37 0.69 -14.69
CA ARG A 131 7.04 1.27 -14.43
C ARG A 131 5.95 0.68 -15.33
N GLU A 132 6.26 0.49 -16.62
CA GLU A 132 5.33 -0.11 -17.55
C GLU A 132 4.91 -1.51 -17.13
N GLU A 133 5.76 -2.28 -16.40
CA GLU A 133 5.29 -3.59 -16.01
C GLU A 133 4.34 -3.52 -14.81
N GLY A 134 4.58 -2.54 -13.94
CA GLY A 134 3.58 -2.30 -12.88
C GLY A 134 2.25 -1.82 -13.50
N GLU A 135 2.33 -0.88 -14.43
CA GLU A 135 1.11 -0.37 -15.06
C GLU A 135 0.34 -1.47 -15.76
N LYS A 136 1.06 -2.38 -16.42
CA LYS A 136 0.45 -3.50 -17.14
C LYS A 136 -0.27 -4.45 -16.21
N LEU A 137 0.37 -4.78 -15.06
CA LEU A 137 -0.32 -5.62 -14.08
C LEU A 137 -1.56 -4.88 -13.58
N ALA A 138 -1.44 -3.61 -13.26
CA ALA A 138 -2.61 -2.87 -12.78
C ALA A 138 -3.72 -2.86 -13.84
N GLU A 139 -3.32 -2.58 -15.09
CA GLU A 139 -4.41 -2.56 -16.11
C GLU A 139 -5.07 -3.88 -16.25
N GLU A 140 -4.33 -5.00 -16.30
CA GLU A 140 -4.88 -6.31 -16.52
C GLU A 140 -5.74 -6.75 -15.36
N LYS A 141 -5.38 -6.34 -14.13
CA LYS A 141 -6.12 -6.89 -12.99
C LYS A 141 -7.09 -5.89 -12.40
N GLY A 142 -7.21 -4.71 -13.00
CA GLY A 142 -8.19 -3.72 -12.53
C GLY A 142 -7.80 -3.05 -11.22
N LEU A 143 -6.55 -2.63 -11.13
CA LEU A 143 -6.02 -1.98 -9.96
C LEU A 143 -5.65 -0.54 -10.24
N LEU A 144 -5.64 0.31 -9.22
CA LEU A 144 -4.97 1.62 -9.32
C LEU A 144 -3.46 1.36 -9.34
N PHE A 145 -2.70 2.32 -9.81
CA PHE A 145 -1.25 2.15 -9.85
C PHE A 145 -0.54 3.43 -9.46
N PHE A 146 0.42 3.31 -8.53
CA PHE A 146 1.28 4.39 -8.15
C PHE A 146 2.73 3.96 -7.91
N GLU A 147 3.68 4.84 -8.17
CA GLU A 147 5.05 4.69 -7.67
C GLU A 147 5.31 5.75 -6.62
N THR A 148 5.98 5.34 -5.52
CA THR A 148 6.08 6.23 -4.37
C THR A 148 7.50 6.22 -3.81
N SER A 149 7.75 7.24 -3.02
CA SER A 149 8.88 7.18 -2.10
C SER A 149 8.40 7.56 -0.72
N ALA A 150 8.44 6.62 0.24
CA ALA A 150 8.18 7.04 1.61
C ALA A 150 9.25 8.01 2.11
N LYS A 151 10.47 7.84 1.59
CA LYS A 151 11.56 8.63 2.15
C LYS A 151 11.45 10.10 1.77
N THR A 152 11.10 10.42 0.52
CA THR A 152 10.93 11.80 0.09
C THR A 152 9.48 12.27 0.22
N GLY A 153 8.54 11.34 0.37
CA GLY A 153 7.13 11.66 0.34
C GLY A 153 6.51 11.58 -1.03
N GLU A 154 7.24 11.46 -2.12
CA GLU A 154 6.73 11.51 -3.48
C GLU A 154 5.55 10.55 -3.68
N ASN A 155 4.42 11.12 -4.08
CA ASN A 155 3.15 10.48 -4.41
C ASN A 155 2.49 9.73 -3.28
N VAL A 156 2.98 9.77 -2.04
CA VAL A 156 2.31 9.04 -0.95
C VAL A 156 0.89 9.55 -0.70
N ASN A 157 0.69 10.86 -0.61
CA ASN A 157 -0.68 11.31 -0.37
C ASN A 157 -1.58 10.94 -1.55
N ASP A 158 -1.05 10.94 -2.74
CA ASP A 158 -1.80 10.63 -3.95
C ASP A 158 -2.40 9.23 -3.85
N VAL A 159 -1.70 8.27 -3.21
CA VAL A 159 -2.20 6.91 -3.11
C VAL A 159 -3.51 6.92 -2.31
N PHE A 160 -3.45 7.55 -1.14
CA PHE A 160 -4.62 7.54 -0.23
C PHE A 160 -5.75 8.40 -0.77
N LEU A 161 -5.45 9.58 -1.29
CA LEU A 161 -6.54 10.34 -1.96
C LEU A 161 -7.13 9.57 -3.13
N GLY A 162 -6.33 8.87 -3.92
CA GLY A 162 -6.85 8.16 -5.08
C GLY A 162 -7.88 7.13 -4.67
N ILE A 163 -7.62 6.46 -3.56
CA ILE A 163 -8.62 5.56 -2.96
C ILE A 163 -9.81 6.31 -2.41
N GLY A 164 -9.60 7.40 -1.65
CA GLY A 164 -10.75 8.06 -1.07
C GLY A 164 -11.64 8.74 -2.10
N GLU A 165 -11.07 9.08 -3.25
CA GLU A 165 -11.86 9.69 -4.33
C GLU A 165 -12.71 8.62 -5.03
N LYS A 166 -12.58 7.34 -4.69
CA LYS A 166 -13.36 6.33 -5.41
C LYS A 166 -14.37 5.64 -4.53
N ILE A 167 -14.53 6.10 -3.29
CA ILE A 167 -15.50 5.43 -2.40
C ILE A 167 -16.62 6.41 -2.06
N PRO A 168 -17.87 5.98 -2.14
CA PRO A 168 -18.97 6.91 -1.83
C PRO A 168 -18.86 7.47 -0.41
N LEU A 169 -19.08 8.79 -0.32
CA LEU A 169 -18.90 9.50 0.96
C LEU A 169 -20.23 9.84 1.61
N LYS A 170 -20.25 9.89 2.93
CA LYS A 170 -21.49 10.02 3.71
C LYS A 170 -22.19 11.34 3.47
MG MG B . 6.17 -2.80 8.61
NI NI C . -19.62 15.98 -1.77
PG GNP D . 7.59 -5.39 7.43
O1G GNP D . 6.88 -4.72 8.54
O2G GNP D . 6.72 -5.99 6.38
O3G GNP D . 8.62 -6.48 7.98
N3B GNP D . 8.52 -4.38 6.62
PB GNP D . 7.82 -2.92 5.85
O1B GNP D . 7.26 -3.25 4.48
O2B GNP D . 6.90 -2.25 6.80
O3A GNP D . 9.04 -1.83 5.60
PA GNP D . 9.60 -0.72 6.45
O1A GNP D . 8.61 0.40 6.28
O2A GNP D . 9.87 -1.24 7.80
O5' GNP D . 10.94 -0.29 5.71
C5' GNP D . 11.98 -1.29 5.57
C4' GNP D . 13.26 -0.53 5.29
O4' GNP D . 13.17 0.24 4.06
C3' GNP D . 13.64 0.51 6.32
O3' GNP D . 15.05 0.61 6.49
C2' GNP D . 13.07 1.81 5.76
O2' GNP D . 13.71 2.98 6.24
C1' GNP D . 13.35 1.60 4.28
N9 GNP D . 12.41 2.30 3.34
C8 GNP D . 11.03 2.22 3.35
N7 GNP D . 10.51 2.94 2.41
C5 GNP D . 11.58 3.53 1.74
C6 GNP D . 11.63 4.41 0.64
O6 GNP D . 10.71 4.91 -0.04
N1 GNP D . 12.93 4.78 0.25
C2 GNP D . 14.04 4.30 0.91
N2 GNP D . 15.24 4.74 0.43
N3 GNP D . 14.00 3.49 1.94
C4 GNP D . 12.76 3.12 2.33
PB GDP E . -18.81 23.30 -4.53
O1B GDP E . -17.88 23.27 -5.67
O2B GDP E . -18.34 23.94 -3.27
O3B GDP E . -20.08 24.17 -4.69
O3A GDP E . -19.03 21.67 -4.00
PA GDP E . -19.39 20.42 -5.04
O1A GDP E . -20.18 19.58 -4.09
O2A GDP E . -19.73 20.53 -6.46
O5' GDP E . -17.90 19.85 -4.90
C5' GDP E . -16.77 20.38 -5.58
C4' GDP E . -15.83 19.21 -5.85
O4' GDP E . -15.62 18.40 -4.65
C3' GDP E . -16.53 18.11 -6.68
O3' GDP E . -16.36 18.54 -8.05
C2' GDP E . -15.58 16.92 -6.46
O2' GDP E . -14.33 17.09 -7.13
C1' GDP E . -15.33 17.07 -4.97
N9 GDP E . -16.31 16.25 -4.19
C8 GDP E . -17.42 16.58 -3.47
N7 GDP E . -18.01 15.57 -2.92
C5 GDP E . -17.25 14.46 -3.30
C6 GDP E . -17.38 13.08 -3.02
O6 GDP E . -18.25 12.52 -2.34
N1 GDP E . -16.35 12.34 -3.62
C2 GDP E . -15.34 12.86 -4.38
N2 GDP E . -14.47 11.98 -4.87
N3 GDP E . -15.20 14.16 -4.66
C4 GDP E . -16.19 14.87 -4.09
#